data_6J8F
#
_entry.id   6J8F
#
_cell.length_a   66.950
_cell.length_b   108.377
_cell.length_c   46.896
_cell.angle_alpha   90.00
_cell.angle_beta   90.00
_cell.angle_gamma   90.00
#
_symmetry.space_group_name_H-M   'P 21 21 2'
#
loop_
_entity.id
_entity.type
_entity.pdbx_description
1 polymer 'Small vasohibin-binding protein'
2 polymer 'Tubulinyl-Tyr carboxypeptidase 1'
3 polymer '8-mer peptide'
4 water water
#
loop_
_entity_poly.entity_id
_entity_poly.type
_entity_poly.pdbx_seq_one_letter_code
_entity_poly.pdbx_strand_id
1 'polypeptide(L)' PPARKEKTKVKESVSRVEKAKQKSAQQELKQRQRAEIYALNRVMTE A
2 'polypeptide(L)'
;MDEATWERMWKHVAKIHPDGEKVAQRIRGATDLPKIPIPSVPTFQPSTPVPERLEAVQRYIRELQYNHTGTQFFEIKKSR
PLTGLMDLAKEMTKEALPIKCLEAVILGIYLTNSMPTLERFPISFKTYFSGNYFRHIVLGVNFAGRYGALGMSRREDLMY
KPPAFRTLSELVLDFEAAYGRCWHVLKKVKLGQSVSHDPHSVEQIEWKHSVLDVERLGRDDFRKELERHARDMRLKIG
;
B
3 'polypeptide(L)' GEEEGECY C
#
# COMPACT_ATOMS: atom_id res chain seq x y z
N SER A 24 -21.84 -12.53 -18.38
CA SER A 24 -22.42 -12.00 -17.16
C SER A 24 -22.62 -13.10 -16.12
N ALA A 25 -22.62 -14.37 -16.59
CA ALA A 25 -22.47 -15.47 -15.65
C ALA A 25 -21.20 -15.29 -14.83
N GLN A 26 -20.19 -14.68 -15.42
CA GLN A 26 -18.98 -14.30 -14.69
C GLN A 26 -19.27 -13.23 -13.64
N GLN A 27 -20.20 -12.31 -13.91
CA GLN A 27 -20.28 -11.11 -13.07
C GLN A 27 -21.14 -11.34 -11.83
N GLU A 28 -22.25 -12.07 -11.95
CA GLU A 28 -22.99 -12.44 -10.75
C GLU A 28 -22.16 -13.36 -9.87
N LEU A 29 -21.15 -14.03 -10.43
CA LEU A 29 -20.27 -14.86 -9.61
C LEU A 29 -19.18 -14.03 -8.95
N LYS A 30 -18.72 -12.99 -9.61
CA LYS A 30 -17.67 -12.15 -9.01
C LYS A 30 -18.27 -11.30 -7.90
N GLN A 31 -19.54 -10.95 -8.04
CA GLN A 31 -20.22 -10.11 -7.04
C GLN A 31 -20.43 -10.93 -5.78
N ARG A 32 -20.81 -12.17 -5.91
CA ARG A 32 -21.00 -13.03 -4.74
C ARG A 32 -19.67 -13.33 -4.07
N GLN A 33 -18.63 -13.62 -4.86
CA GLN A 33 -17.30 -13.80 -4.28
C GLN A 33 -16.85 -12.55 -3.55
N ARG A 34 -17.12 -11.37 -4.13
CA ARG A 34 -16.73 -10.12 -3.49
C ARG A 34 -17.51 -9.91 -2.19
N ALA A 35 -18.82 -10.16 -2.22
CA ALA A 35 -19.62 -10.03 -1.01
C ALA A 35 -19.11 -10.98 0.08
N GLU A 36 -18.68 -12.19 -0.31
CA GLU A 36 -18.16 -13.13 0.67
C GLU A 36 -16.80 -12.69 1.19
N ILE A 37 -15.97 -12.11 0.33
CA ILE A 37 -14.63 -11.68 0.77
C ILE A 37 -14.74 -10.57 1.81
N TYR A 38 -15.66 -9.63 1.61
CA TYR A 38 -15.80 -8.55 2.57
C TYR A 38 -16.50 -9.02 3.84
N ALA A 39 -17.41 -9.99 3.72
CA ALA A 39 -17.95 -10.63 4.91
C ALA A 39 -16.84 -11.31 5.70
N LEU A 40 -15.97 -12.06 5.02
CA LEU A 40 -14.86 -12.71 5.70
C LEU A 40 -13.88 -11.68 6.25
N ASN A 41 -13.53 -10.67 5.44
CA ASN A 41 -12.62 -9.62 5.91
C ASN A 41 -13.14 -8.97 7.18
N ARG A 42 -14.45 -8.75 7.27
CA ARG A 42 -15.02 -8.12 8.45
C ARG A 42 -14.87 -9.02 9.68
N VAL A 43 -15.15 -10.31 9.52
CA VAL A 43 -15.00 -11.24 10.64
C VAL A 43 -13.56 -11.25 11.14
N MET A 44 -12.60 -11.26 10.23
CA MET A 44 -11.19 -11.39 10.58
C MET A 44 -10.63 -10.16 11.28
N THR A 45 -11.35 -9.05 11.32
CA THR A 45 -10.86 -7.86 12.01
C THR A 45 -11.13 -7.96 13.51
N ASP B 2 -11.79 -19.51 -11.35
CA ASP B 2 -10.66 -19.66 -10.45
C ASP B 2 -11.11 -20.33 -9.14
N GLU B 3 -11.38 -21.64 -9.20
CA GLU B 3 -11.88 -22.35 -8.00
C GLU B 3 -10.72 -22.84 -7.11
N ALA B 4 -9.60 -23.21 -7.71
CA ALA B 4 -8.45 -23.63 -6.92
C ALA B 4 -8.03 -22.53 -5.94
N THR B 5 -7.72 -21.35 -6.47
CA THR B 5 -7.44 -20.20 -5.61
C THR B 5 -8.53 -19.99 -4.57
N TRP B 6 -9.79 -20.11 -4.99
CA TRP B 6 -10.90 -19.77 -4.10
C TRP B 6 -10.91 -20.67 -2.87
N GLU B 7 -10.79 -21.99 -3.07
CA GLU B 7 -10.77 -22.89 -1.93
C GLU B 7 -9.46 -22.85 -1.15
N ARG B 8 -8.44 -22.28 -1.78
CA ARG B 8 -7.21 -22.10 -1.01
C ARG B 8 -7.57 -21.12 0.10
N MET B 9 -8.16 -19.99 -0.28
CA MET B 9 -8.47 -18.93 0.68
C MET B 9 -9.30 -19.47 1.83
N TRP B 10 -10.33 -20.27 1.54
CA TRP B 10 -11.17 -20.80 2.59
C TRP B 10 -10.46 -21.90 3.38
N LYS B 11 -9.63 -22.67 2.71
CA LYS B 11 -8.87 -23.70 3.45
C LYS B 11 -7.87 -22.99 4.36
N HIS B 12 -7.33 -21.87 3.94
CA HIS B 12 -6.37 -21.18 4.77
C HIS B 12 -7.04 -20.51 5.96
N VAL B 13 -8.29 -20.08 5.79
CA VAL B 13 -9.04 -19.49 6.90
C VAL B 13 -9.33 -20.55 7.96
N ALA B 14 -9.64 -21.78 7.53
CA ALA B 14 -9.89 -22.86 8.48
C ALA B 14 -8.73 -23.03 9.44
N LYS B 15 -7.52 -22.76 8.97
CA LYS B 15 -6.39 -22.94 9.86
C LYS B 15 -6.29 -21.76 10.81
N ILE B 16 -6.29 -20.56 10.27
CA ILE B 16 -5.78 -19.43 11.04
C ILE B 16 -6.81 -18.90 12.03
N HIS B 17 -8.09 -18.89 11.67
CA HIS B 17 -9.10 -18.41 12.58
C HIS B 17 -9.32 -19.43 13.70
N PRO B 18 -9.60 -18.96 14.94
CA PRO B 18 -9.89 -19.89 16.05
C PRO B 18 -10.89 -20.97 15.65
N ASP B 19 -12.04 -20.47 15.21
CA ASP B 19 -13.14 -21.34 14.74
C ASP B 19 -13.16 -21.27 13.22
N GLY B 20 -12.14 -21.80 12.57
CA GLY B 20 -11.97 -21.71 11.11
C GLY B 20 -13.10 -22.26 10.27
N GLU B 21 -13.56 -23.46 10.56
CA GLU B 21 -14.55 -24.10 9.68
C GLU B 21 -15.94 -23.50 9.84
N LYS B 22 -16.37 -23.26 11.05
CA LYS B 22 -17.74 -22.75 11.19
C LYS B 22 -17.82 -21.39 10.53
N VAL B 23 -16.71 -20.67 10.43
CA VAL B 23 -16.79 -19.29 9.88
C VAL B 23 -17.07 -19.35 8.39
N ALA B 24 -16.41 -20.25 7.69
CA ALA B 24 -16.64 -20.42 6.26
C ALA B 24 -18.06 -20.91 6.04
N GLN B 25 -18.51 -21.82 6.87
CA GLN B 25 -19.85 -22.38 6.78
C GLN B 25 -20.87 -21.26 6.81
N ARG B 26 -20.77 -20.40 7.79
CA ARG B 26 -21.81 -19.37 7.94
C ARG B 26 -21.84 -18.37 6.77
N ILE B 27 -20.70 -18.04 6.22
CA ILE B 27 -20.66 -17.03 5.15
C ILE B 27 -20.97 -17.68 3.80
N ARG B 28 -20.32 -18.79 3.50
CA ARG B 28 -20.55 -19.46 2.21
C ARG B 28 -21.99 -19.98 2.12
N GLY B 29 -22.60 -20.36 3.22
CA GLY B 29 -23.96 -20.85 3.19
C GLY B 29 -25.03 -19.78 3.30
N ALA B 30 -24.64 -18.52 3.53
CA ALA B 30 -25.60 -17.44 3.69
C ALA B 30 -26.16 -17.03 2.34
N THR B 31 -27.50 -17.00 2.23
CA THR B 31 -28.14 -16.63 0.98
C THR B 31 -28.21 -15.12 0.80
N ASP B 32 -28.39 -14.37 1.89
CA ASP B 32 -28.42 -12.92 1.84
C ASP B 32 -27.17 -12.37 2.51
N LEU B 33 -26.35 -11.67 1.73
CA LEU B 33 -25.16 -11.00 2.21
C LEU B 33 -25.25 -9.51 1.92
N PRO B 34 -24.67 -8.68 2.77
CA PRO B 34 -24.55 -7.25 2.42
C PRO B 34 -23.74 -7.09 1.15
N LYS B 35 -24.42 -6.50 0.17
CA LYS B 35 -23.85 -6.12 -1.14
C LYS B 35 -22.87 -4.99 -0.82
N ILE B 36 -21.64 -5.14 -1.28
CA ILE B 36 -20.66 -4.09 -1.00
C ILE B 36 -20.64 -3.13 -2.18
N PRO B 37 -20.90 -1.84 -1.98
CA PRO B 37 -20.86 -0.89 -3.10
C PRO B 37 -19.45 -0.78 -3.67
N ILE B 38 -19.37 -0.72 -4.99
CA ILE B 38 -18.09 -0.63 -5.67
C ILE B 38 -17.56 0.79 -5.55
N PRO B 39 -16.34 0.97 -5.02
CA PRO B 39 -15.82 2.33 -4.84
C PRO B 39 -15.57 3.02 -6.17
N SER B 40 -15.92 4.30 -6.23
CA SER B 40 -15.74 5.08 -7.44
C SER B 40 -14.31 5.60 -7.52
N VAL B 41 -13.67 5.38 -8.66
CA VAL B 41 -12.29 5.85 -8.84
C VAL B 41 -12.29 7.38 -8.85
N PRO B 42 -11.45 8.04 -8.05
CA PRO B 42 -11.49 9.50 -7.98
C PRO B 42 -10.92 10.13 -9.24
N THR B 43 -11.67 11.08 -9.80
CA THR B 43 -11.23 11.89 -10.94
C THR B 43 -11.35 13.36 -10.56
N PHE B 44 -10.44 14.18 -11.08
CA PHE B 44 -10.24 15.52 -10.56
C PHE B 44 -10.38 16.58 -11.63
N GLN B 45 -11.06 17.67 -11.26
CA GLN B 45 -11.02 18.88 -12.07
C GLN B 45 -9.61 19.46 -12.04
N PRO B 46 -9.20 20.19 -13.08
CA PRO B 46 -7.87 20.83 -13.04
C PRO B 46 -7.76 21.93 -12.00
N SER B 47 -8.89 22.40 -11.45
CA SER B 47 -8.85 23.43 -10.42
C SER B 47 -8.57 22.87 -9.04
N THR B 48 -8.77 21.57 -8.83
CA THR B 48 -8.57 20.97 -7.53
C THR B 48 -7.08 20.97 -7.17
N PRO B 49 -6.68 21.57 -6.05
CA PRO B 49 -5.26 21.54 -5.68
C PRO B 49 -4.80 20.12 -5.40
N VAL B 50 -3.53 19.86 -5.69
CA VAL B 50 -2.94 18.53 -5.57
C VAL B 50 -3.09 17.97 -4.15
N PRO B 51 -2.92 18.76 -3.07
CA PRO B 51 -3.16 18.20 -1.73
C PRO B 51 -4.57 17.65 -1.54
N GLU B 52 -5.60 18.31 -2.06
CA GLU B 52 -6.95 17.76 -1.94
C GLU B 52 -7.10 16.50 -2.78
N ARG B 53 -6.41 16.43 -3.93
CA ARG B 53 -6.42 15.20 -4.72
C ARG B 53 -5.83 14.04 -3.93
N LEU B 54 -4.71 14.29 -3.23
CA LEU B 54 -4.06 13.23 -2.47
C LEU B 54 -4.96 12.72 -1.36
N GLU B 55 -5.68 13.61 -0.67
CA GLU B 55 -6.64 13.18 0.33
C GLU B 55 -7.69 12.26 -0.29
N ALA B 56 -8.10 12.54 -1.52
CA ALA B 56 -9.11 11.71 -2.18
C ALA B 56 -8.53 10.38 -2.61
N VAL B 57 -7.26 10.36 -3.05
CA VAL B 57 -6.63 9.10 -3.41
C VAL B 57 -6.48 8.21 -2.18
N GLN B 58 -6.07 8.79 -1.05
CA GLN B 58 -5.91 8.02 0.17
C GLN B 58 -7.25 7.51 0.69
N ARG B 59 -8.31 8.30 0.54
CA ARG B 59 -9.63 7.85 0.94
C ARG B 59 -10.08 6.66 0.11
N TYR B 60 -9.85 6.70 -1.20
CA TYR B 60 -10.19 5.57 -2.06
C TYR B 60 -9.43 4.33 -1.64
N ILE B 61 -8.13 4.47 -1.38
CA ILE B 61 -7.32 3.33 -0.97
C ILE B 61 -7.85 2.76 0.34
N ARG B 62 -8.29 3.62 1.26
CA ARG B 62 -8.86 3.13 2.52
C ARG B 62 -10.16 2.38 2.29
N GLU B 63 -10.94 2.84 1.34
CA GLU B 63 -12.25 2.26 1.02
C GLU B 63 -12.12 0.80 0.63
N LEU B 64 -11.08 0.42 -0.07
CA LEU B 64 -10.88 -0.99 -0.43
C LEU B 64 -10.69 -1.85 0.81
N GLN B 65 -10.23 -1.25 1.90
CA GLN B 65 -9.97 -1.88 3.21
C GLN B 65 -8.69 -2.71 3.21
N TYR B 66 -8.09 -2.87 4.36
CA TYR B 66 -6.93 -3.73 4.51
C TYR B 66 -7.34 -5.20 4.39
N ASN B 67 -6.49 -5.99 3.73
CA ASN B 67 -6.77 -7.41 3.48
C ASN B 67 -6.38 -8.21 4.70
N HIS B 68 -7.37 -8.60 5.50
CA HIS B 68 -7.16 -9.45 6.67
C HIS B 68 -7.38 -10.92 6.38
N THR B 69 -7.79 -11.28 5.16
CA THR B 69 -8.18 -12.65 4.86
C THR B 69 -7.00 -13.61 4.89
N GLY B 70 -5.78 -13.12 4.82
CA GLY B 70 -4.62 -13.98 4.73
C GLY B 70 -4.31 -14.47 3.33
N THR B 71 -5.06 -14.02 2.33
CA THR B 71 -4.82 -14.39 0.93
C THR B 71 -4.75 -13.12 0.10
N GLN B 72 -3.63 -12.92 -0.59
CA GLN B 72 -3.44 -11.74 -1.41
C GLN B 72 -4.04 -11.98 -2.79
N PHE B 73 -4.89 -11.04 -3.23
CA PHE B 73 -5.63 -11.18 -4.46
C PHE B 73 -4.92 -10.60 -5.68
N PHE B 74 -3.87 -9.81 -5.48
CA PHE B 74 -3.14 -9.17 -6.57
C PHE B 74 -1.64 -9.35 -6.29
N GLU B 75 -1.07 -10.40 -6.83
CA GLU B 75 0.36 -10.67 -6.64
C GLU B 75 1.18 -9.68 -7.44
N ILE B 76 2.26 -9.20 -6.89
CA ILE B 76 3.05 -8.14 -7.49
C ILE B 76 4.49 -8.61 -7.59
N LYS B 77 4.95 -8.82 -8.81
CA LYS B 77 6.37 -9.07 -9.08
C LYS B 77 7.06 -7.73 -9.24
N LYS B 78 7.87 -7.35 -8.23
CA LYS B 78 8.46 -6.02 -8.18
C LYS B 78 9.36 -5.73 -9.38
N SER B 79 9.75 -6.75 -10.14
CA SER B 79 10.61 -6.56 -11.29
C SER B 79 9.83 -6.30 -12.57
N ARG B 80 8.50 -6.29 -12.50
CA ARG B 80 7.71 -6.03 -13.70
C ARG B 80 7.93 -4.60 -14.17
N PRO B 81 7.85 -4.35 -15.48
CA PRO B 81 7.92 -2.98 -15.97
C PRO B 81 6.73 -2.18 -15.44
N LEU B 82 6.88 -0.85 -15.47
CA LEU B 82 5.83 0.01 -14.95
C LEU B 82 4.51 -0.22 -15.68
N THR B 83 4.56 -0.41 -17.00
CA THR B 83 3.33 -0.63 -17.75
C THR B 83 2.65 -1.93 -17.35
N GLY B 84 3.42 -2.91 -16.84
CA GLY B 84 2.82 -4.11 -16.32
C GLY B 84 2.14 -3.89 -14.99
N LEU B 85 2.79 -3.12 -14.10
CA LEU B 85 2.20 -2.84 -12.80
C LEU B 85 0.98 -1.93 -12.92
N MET B 86 0.94 -1.08 -13.94
CA MET B 86 -0.22 -0.21 -14.12
C MET B 86 -1.41 -0.98 -14.67
N ASP B 87 -1.17 -2.00 -15.50
CA ASP B 87 -2.24 -2.91 -15.87
C ASP B 87 -2.86 -3.56 -14.64
N LEU B 88 -2.01 -3.93 -13.67
CA LEU B 88 -2.49 -4.61 -12.46
C LEU B 88 -3.26 -3.64 -11.57
N ALA B 89 -2.79 -2.40 -11.48
CA ALA B 89 -3.51 -1.39 -10.71
C ALA B 89 -4.90 -1.16 -11.28
N LYS B 90 -5.02 -1.15 -12.62
CA LYS B 90 -6.33 -0.98 -13.24
C LYS B 90 -7.28 -2.11 -12.86
N GLU B 91 -6.75 -3.33 -12.72
CA GLU B 91 -7.62 -4.45 -12.39
C GLU B 91 -8.01 -4.44 -10.91
N MET B 92 -7.12 -3.96 -10.03
CA MET B 92 -7.54 -3.66 -8.67
C MET B 92 -8.71 -2.69 -8.68
N THR B 93 -8.67 -1.71 -9.58
CA THR B 93 -9.75 -0.74 -9.70
C THR B 93 -11.04 -1.41 -10.13
N LYS B 94 -10.96 -2.43 -10.94
CA LYS B 94 -12.16 -3.12 -11.43
C LYS B 94 -12.59 -4.24 -10.50
N GLU B 95 -11.67 -4.96 -9.90
CA GLU B 95 -12.06 -6.02 -8.98
C GLU B 95 -12.51 -5.46 -7.64
N ALA B 96 -11.82 -4.43 -7.13
CA ALA B 96 -12.19 -3.71 -5.92
C ALA B 96 -12.29 -4.67 -4.73
N LEU B 97 -11.13 -5.20 -4.35
CA LEU B 97 -10.98 -6.12 -3.24
C LEU B 97 -10.00 -5.56 -2.23
N PRO B 98 -9.99 -6.08 -1.00
CA PRO B 98 -9.03 -5.60 0.00
C PRO B 98 -7.59 -5.77 -0.47
N ILE B 99 -6.70 -4.93 0.08
CA ILE B 99 -5.32 -4.82 -0.37
C ILE B 99 -4.41 -4.66 0.85
N LYS B 100 -3.11 -4.80 0.61
CA LYS B 100 -2.08 -4.59 1.62
C LYS B 100 -1.13 -3.48 1.16
N CYS B 101 0.01 -3.36 1.85
CA CYS B 101 0.83 -2.15 1.71
C CYS B 101 1.43 -2.05 0.30
N LEU B 102 1.95 -3.15 -0.24
CA LEU B 102 2.62 -3.09 -1.53
C LEU B 102 1.64 -2.78 -2.65
N GLU B 103 0.45 -3.39 -2.63
CA GLU B 103 -0.55 -3.11 -3.65
C GLU B 103 -0.99 -1.64 -3.62
N ALA B 104 -1.03 -1.04 -2.42
CA ALA B 104 -1.44 0.35 -2.31
C ALA B 104 -0.41 1.29 -2.91
N VAL B 105 0.88 0.91 -2.85
CA VAL B 105 1.91 1.71 -3.49
C VAL B 105 1.70 1.74 -5.00
N ILE B 106 1.42 0.57 -5.59
CA ILE B 106 1.14 0.51 -7.02
C ILE B 106 -0.12 1.30 -7.35
N LEU B 107 -1.16 1.16 -6.51
CA LEU B 107 -2.37 1.94 -6.69
C LEU B 107 -2.09 3.44 -6.59
N GLY B 108 -1.27 3.84 -5.61
CA GLY B 108 -0.96 5.25 -5.46
C GLY B 108 -0.29 5.85 -6.69
N ILE B 109 0.54 5.06 -7.37
CA ILE B 109 1.21 5.55 -8.57
C ILE B 109 0.22 5.69 -9.72
N TYR B 110 -0.58 4.63 -9.95
CA TYR B 110 -1.62 4.66 -10.96
C TYR B 110 -2.51 5.89 -10.83
N LEU B 111 -2.88 6.23 -9.59
CA LEU B 111 -3.82 7.32 -9.36
C LEU B 111 -3.17 8.70 -9.35
N THR B 112 -1.83 8.79 -9.30
CA THR B 112 -1.15 10.07 -9.31
C THR B 112 -0.34 10.31 -10.58
N ASN B 113 -0.44 9.42 -11.58
CA ASN B 113 0.27 9.67 -12.83
C ASN B 113 -0.27 10.91 -13.54
N SER B 114 -1.51 11.30 -13.25
CA SER B 114 -2.11 12.50 -13.81
C SER B 114 -1.66 13.78 -13.12
N MET B 115 -0.73 13.70 -12.17
CA MET B 115 -0.25 14.85 -11.42
C MET B 115 1.26 14.99 -11.66
N PRO B 116 1.65 15.60 -12.78
CA PRO B 116 3.08 15.69 -13.11
C PRO B 116 3.87 16.57 -12.16
N THR B 117 3.24 17.52 -11.47
CA THR B 117 3.96 18.32 -10.49
C THR B 117 4.16 17.58 -9.17
N LEU B 118 3.67 16.35 -9.06
CA LEU B 118 3.80 15.54 -7.85
C LEU B 118 4.84 14.46 -8.09
N GLU B 119 5.85 14.45 -7.24
CA GLU B 119 6.92 13.44 -7.28
C GLU B 119 6.52 12.26 -6.39
N ARG B 120 6.69 11.05 -6.88
CA ARG B 120 6.36 9.83 -6.14
C ARG B 120 7.59 8.94 -6.02
N PHE B 121 7.76 8.30 -4.87
CA PHE B 121 8.92 7.43 -4.69
C PHE B 121 8.66 6.45 -3.57
N PRO B 122 9.03 5.17 -3.72
CA PRO B 122 8.77 4.20 -2.67
C PRO B 122 9.72 4.34 -1.49
N ILE B 123 9.19 4.11 -0.29
CA ILE B 123 9.96 4.04 0.94
C ILE B 123 9.52 2.77 1.66
N SER B 124 10.44 1.83 1.82
CA SER B 124 10.14 0.60 2.55
C SER B 124 10.99 0.53 3.81
N PHE B 125 10.42 -0.07 4.86
CA PHE B 125 11.05 -0.15 6.17
C PHE B 125 11.23 -1.59 6.60
N LYS B 126 12.35 -1.88 7.24
CA LYS B 126 12.58 -3.13 7.96
C LYS B 126 12.73 -2.80 9.43
N THR B 127 11.81 -3.28 10.25
CA THR B 127 11.84 -3.02 11.68
C THR B 127 11.93 -4.32 12.46
N TYR B 128 12.40 -4.20 13.70
CA TYR B 128 12.61 -5.33 14.59
C TYR B 128 11.73 -5.17 15.82
N PHE B 129 11.19 -6.29 16.31
CA PHE B 129 10.44 -6.27 17.56
C PHE B 129 10.33 -7.68 18.12
N SER B 130 10.80 -7.85 19.36
CA SER B 130 10.60 -9.08 20.12
C SER B 130 11.02 -10.32 19.32
N GLY B 131 12.19 -10.22 18.71
CA GLY B 131 12.77 -11.33 17.96
C GLY B 131 12.25 -11.51 16.55
N ASN B 132 11.36 -10.65 16.08
CA ASN B 132 10.76 -10.79 14.76
C ASN B 132 11.08 -9.58 13.90
N TYR B 133 11.16 -9.82 12.59
CA TYR B 133 11.40 -8.76 11.62
C TYR B 133 10.11 -8.43 10.90
N PHE B 134 9.94 -7.14 10.57
CA PHE B 134 8.72 -6.62 9.99
C PHE B 134 9.09 -5.75 8.80
N ARG B 135 8.40 -5.97 7.68
CA ARG B 135 8.64 -5.21 6.46
C ARG B 135 7.38 -4.46 6.07
N HIS B 136 7.53 -3.18 5.74
CA HIS B 136 6.44 -2.29 5.41
C HIS B 136 6.92 -1.37 4.31
N ILE B 137 5.98 -0.85 3.52
CA ILE B 137 6.33 0.07 2.43
C ILE B 137 5.19 1.05 2.23
N VAL B 138 5.55 2.30 1.94
CA VAL B 138 4.60 3.36 1.62
C VAL B 138 5.09 4.06 0.37
N LEU B 139 4.25 4.97 -0.14
CA LEU B 139 4.60 5.78 -1.30
C LEU B 139 4.94 7.18 -0.80
N GLY B 140 6.22 7.52 -0.80
CA GLY B 140 6.62 8.88 -0.54
C GLY B 140 6.18 9.80 -1.66
N VAL B 141 5.76 11.00 -1.30
CA VAL B 141 5.37 12.01 -2.28
C VAL B 141 5.97 13.35 -1.90
N ASN B 142 6.31 14.14 -2.92
CA ASN B 142 6.79 15.50 -2.75
C ASN B 142 5.92 16.43 -3.58
N PHE B 143 5.39 17.47 -2.94
CA PHE B 143 4.68 18.51 -3.66
C PHE B 143 5.15 19.88 -3.19
N ALA B 144 5.51 20.74 -4.14
CA ALA B 144 5.91 22.12 -3.87
C ALA B 144 6.93 22.19 -2.72
N GLY B 145 7.92 21.30 -2.76
CA GLY B 145 8.99 21.29 -1.80
C GLY B 145 8.69 20.61 -0.49
N ARG B 146 7.49 20.05 -0.32
CA ARG B 146 7.11 19.41 0.93
C ARG B 146 6.85 17.93 0.72
N TYR B 147 7.02 17.16 1.80
CA TYR B 147 7.01 15.71 1.74
C TYR B 147 5.81 15.14 2.48
N GLY B 148 5.31 14.02 1.97
CA GLY B 148 4.21 13.32 2.54
C GLY B 148 4.26 11.86 2.15
N ALA B 149 3.16 11.15 2.42
CA ALA B 149 3.14 9.73 2.10
C ALA B 149 1.71 9.24 1.90
N LEU B 150 1.56 8.34 0.94
CA LEU B 150 0.38 7.52 0.77
C LEU B 150 0.71 6.07 1.09
N GLY B 151 -0.26 5.33 1.59
CA GLY B 151 0.00 3.92 1.85
C GLY B 151 -1.21 3.24 2.44
N MET B 152 -1.02 1.96 2.75
CA MET B 152 -1.99 1.15 3.45
C MET B 152 -1.27 0.40 4.55
N SER B 153 -1.76 0.49 5.78
CA SER B 153 -1.11 -0.12 6.91
C SER B 153 -2.15 -0.63 7.89
N ARG B 154 -1.70 -1.49 8.80
CA ARG B 154 -2.52 -1.92 9.91
C ARG B 154 -2.61 -0.86 10.99
N ARG B 155 -1.72 0.13 10.97
CA ARG B 155 -1.69 1.22 11.93
C ARG B 155 -1.95 2.54 11.23
N GLU B 156 -2.70 3.41 11.92
CA GLU B 156 -3.10 4.69 11.33
C GLU B 156 -1.91 5.62 11.11
N ASP B 157 -0.90 5.58 11.98
CA ASP B 157 0.23 6.50 11.85
C ASP B 157 1.39 5.91 11.05
N LEU B 158 1.18 4.80 10.35
CA LEU B 158 2.19 4.25 9.46
C LEU B 158 1.75 4.28 8.00
N MET B 159 0.82 5.16 7.64
CA MET B 159 0.43 5.28 6.24
C MET B 159 0.35 6.72 5.77
N TYR B 160 -0.77 7.40 6.02
CA TYR B 160 -1.01 8.71 5.41
C TYR B 160 -0.31 9.81 6.19
N LYS B 161 0.52 10.59 5.50
CA LYS B 161 1.05 11.85 5.99
C LYS B 161 0.78 12.93 4.96
N PRO B 162 0.06 14.00 5.30
CA PRO B 162 -0.13 15.07 4.32
C PRO B 162 1.18 15.71 3.98
N PRO B 163 1.33 16.21 2.75
CA PRO B 163 2.63 16.73 2.32
C PRO B 163 2.99 18.04 3.00
N ALA B 164 3.40 17.96 4.28
CA ALA B 164 3.72 19.14 5.06
C ALA B 164 5.14 19.19 5.57
N PHE B 165 5.83 18.05 5.64
CA PHE B 165 7.21 18.04 6.14
C PHE B 165 8.11 18.78 5.17
N ARG B 166 8.99 19.63 5.73
CA ARG B 166 9.82 20.48 4.90
C ARG B 166 11.03 19.76 4.33
N THR B 167 11.44 18.64 4.92
CA THR B 167 12.54 17.84 4.38
C THR B 167 12.17 16.36 4.44
N LEU B 168 12.89 15.57 3.65
CA LEU B 168 12.70 14.12 3.67
C LEU B 168 13.06 13.54 5.03
N SER B 169 14.08 14.09 5.68
CA SER B 169 14.48 13.63 7.01
C SER B 169 13.31 13.70 7.98
N GLU B 170 12.60 14.83 8.01
CA GLU B 170 11.47 14.96 8.92
C GLU B 170 10.38 13.92 8.62
N LEU B 171 10.16 13.63 7.34
CA LEU B 171 9.17 12.61 6.99
C LEU B 171 9.57 11.24 7.50
N VAL B 172 10.83 10.86 7.30
CA VAL B 172 11.28 9.53 7.71
C VAL B 172 11.34 9.42 9.23
N LEU B 173 11.80 10.47 9.90
CA LEU B 173 11.88 10.44 11.36
C LEU B 173 10.51 10.40 12.00
N ASP B 174 9.49 10.95 11.33
CA ASP B 174 8.12 10.79 11.80
C ASP B 174 7.72 9.32 11.84
N PHE B 175 8.08 8.58 10.77
CA PHE B 175 7.78 7.16 10.74
C PHE B 175 8.54 6.40 11.84
N GLU B 176 9.81 6.78 12.07
CA GLU B 176 10.57 6.11 13.13
C GLU B 176 9.93 6.34 14.48
N ALA B 177 9.52 7.58 14.76
CA ALA B 177 8.83 7.87 16.01
C ALA B 177 7.56 7.03 16.13
N ALA B 178 6.79 6.91 15.05
CA ALA B 178 5.58 6.09 15.07
C ALA B 178 5.92 4.63 15.34
N TYR B 179 6.99 4.13 14.72
CA TYR B 179 7.46 2.77 15.03
C TYR B 179 7.86 2.66 16.49
N GLY B 180 8.52 3.68 17.03
CA GLY B 180 8.99 3.62 18.41
C GLY B 180 7.87 3.59 19.43
N ARG B 181 6.73 4.20 19.11
CA ARG B 181 5.62 4.22 20.05
C ARG B 181 5.07 2.81 20.31
N CYS B 182 5.28 1.89 19.38
CA CYS B 182 4.88 0.49 19.58
C CYS B 182 6.10 -0.43 19.67
N TRP B 183 7.23 0.12 20.10
CA TRP B 183 8.40 -0.62 20.57
C TRP B 183 9.14 -1.34 19.43
N HIS B 184 8.94 -0.89 18.20
CA HIS B 184 9.69 -1.37 17.05
C HIS B 184 10.96 -0.54 16.85
N VAL B 185 12.08 -1.23 16.64
CA VAL B 185 13.33 -0.58 16.26
C VAL B 185 13.44 -0.54 14.74
N LEU B 186 13.79 0.63 14.20
CA LEU B 186 13.96 0.78 12.76
C LEU B 186 15.36 0.32 12.39
N LYS B 187 15.44 -0.75 11.61
CA LYS B 187 16.72 -1.33 11.21
C LYS B 187 17.21 -0.80 9.87
N LYS B 188 16.32 -0.70 8.88
CA LYS B 188 16.78 -0.36 7.54
C LYS B 188 15.69 0.34 6.77
N VAL B 189 16.11 1.32 5.96
CA VAL B 189 15.22 2.11 5.10
C VAL B 189 15.71 1.96 3.68
N LYS B 190 14.83 1.54 2.79
CA LYS B 190 15.12 1.44 1.37
C LYS B 190 14.30 2.49 0.64
N LEU B 191 14.98 3.38 -0.08
CA LEU B 191 14.35 4.49 -0.78
C LEU B 191 14.58 4.35 -2.27
N GLY B 192 13.50 4.45 -3.04
CA GLY B 192 13.60 4.34 -4.48
C GLY B 192 13.73 5.70 -5.15
N GLN B 193 13.92 5.65 -6.48
CA GLN B 193 13.94 6.86 -7.28
C GLN B 193 12.51 7.26 -7.64
N SER B 194 12.39 8.52 -8.08
CA SER B 194 11.12 9.02 -8.60
C SER B 194 10.55 8.05 -9.63
N VAL B 195 9.23 7.88 -9.61
CA VAL B 195 8.55 7.00 -10.55
C VAL B 195 8.06 7.83 -11.72
N SER B 196 8.37 7.36 -12.94
CA SER B 196 7.91 8.03 -14.14
C SER B 196 6.38 8.13 -14.17
N HIS B 197 5.88 9.24 -14.70
CA HIS B 197 4.45 9.45 -14.83
C HIS B 197 3.87 8.80 -16.08
N ASP B 198 4.71 8.18 -16.90
CA ASP B 198 4.27 7.48 -18.11
C ASP B 198 3.76 6.10 -17.74
N PRO B 199 2.46 5.86 -17.77
CA PRO B 199 1.94 4.53 -17.40
C PRO B 199 2.30 3.43 -18.39
N HIS B 200 2.89 3.79 -19.52
CA HIS B 200 3.33 2.81 -20.52
C HIS B 200 4.84 2.62 -20.52
N SER B 201 5.54 3.12 -19.50
CA SER B 201 6.99 3.04 -19.47
C SER B 201 7.45 1.59 -19.31
N VAL B 202 8.52 1.23 -20.01
CA VAL B 202 9.00 -0.14 -20.05
C VAL B 202 10.07 -0.37 -18.98
N GLU B 203 10.25 0.59 -18.10
CA GLU B 203 11.27 0.48 -17.05
C GLU B 203 10.68 0.01 -15.72
N GLN B 204 11.52 -0.66 -14.94
CA GLN B 204 11.15 -1.09 -13.60
C GLN B 204 11.20 0.08 -12.64
N ILE B 205 10.44 -0.04 -11.56
CA ILE B 205 10.66 0.82 -10.41
C ILE B 205 11.98 0.44 -9.77
N GLU B 206 12.82 1.45 -9.50
CA GLU B 206 14.09 1.22 -8.81
C GLU B 206 13.84 1.29 -7.32
N TRP B 207 13.55 0.14 -6.72
CA TRP B 207 13.15 0.10 -5.31
C TRP B 207 14.29 0.42 -4.36
N LYS B 208 15.54 0.34 -4.82
CA LYS B 208 16.70 0.38 -3.92
C LYS B 208 17.77 1.34 -4.43
N HIS B 209 17.40 2.60 -4.68
CA HIS B 209 18.42 3.57 -5.03
C HIS B 209 19.30 3.88 -3.82
N SER B 210 18.74 3.86 -2.62
CA SER B 210 19.50 4.05 -1.40
C SER B 210 19.02 3.07 -0.35
N VAL B 211 19.96 2.38 0.29
CA VAL B 211 19.69 1.49 1.42
C VAL B 211 20.46 2.04 2.61
N LEU B 212 19.75 2.42 3.66
CA LEU B 212 20.36 3.04 4.84
C LEU B 212 20.27 2.10 6.02
N ASP B 213 21.44 1.82 6.62
CA ASP B 213 21.53 1.02 7.85
C ASP B 213 21.38 2.00 9.02
N VAL B 214 20.17 2.05 9.59
CA VAL B 214 19.87 3.07 10.59
C VAL B 214 20.69 2.84 11.87
N GLU B 215 21.13 1.63 12.13
CA GLU B 215 21.90 1.50 13.39
C GLU B 215 23.35 1.80 13.09
N ARG B 216 23.86 1.33 11.95
CA ARG B 216 25.29 1.59 11.62
C ARG B 216 25.52 3.02 11.17
N LEU B 217 24.51 3.83 10.96
CA LEU B 217 24.77 5.18 10.47
C LEU B 217 24.93 6.19 11.61
N GLY B 218 24.02 6.19 12.56
CA GLY B 218 23.99 7.24 13.57
C GLY B 218 23.18 8.42 13.10
N ARG B 219 22.71 9.20 14.06
CA ARG B 219 21.72 10.28 13.87
C ARG B 219 22.03 11.26 12.75
N ASP B 220 23.11 12.03 12.86
CA ASP B 220 23.35 13.08 11.86
C ASP B 220 23.76 12.50 10.52
N ASP B 221 24.50 11.40 10.51
CA ASP B 221 24.87 10.78 9.24
C ASP B 221 23.65 10.17 8.56
N PHE B 222 22.68 9.69 9.34
CA PHE B 222 21.40 9.29 8.78
C PHE B 222 20.69 10.48 8.13
N ARG B 223 20.76 11.64 8.74
CA ARG B 223 20.08 12.82 8.16
C ARG B 223 20.77 13.26 6.87
N LYS B 224 22.08 13.22 6.85
CA LYS B 224 22.81 13.66 5.67
C LYS B 224 22.52 12.68 4.54
N GLU B 225 22.27 11.44 4.88
CA GLU B 225 22.03 10.41 3.87
C GLU B 225 20.66 10.56 3.22
N LEU B 226 19.63 10.85 4.03
CA LEU B 226 18.32 11.11 3.45
C LEU B 226 18.33 12.37 2.58
N GLU B 227 19.15 13.37 2.96
CA GLU B 227 19.20 14.60 2.19
C GLU B 227 19.95 14.40 0.87
N ARG B 228 20.92 13.51 0.86
CA ARG B 228 21.62 13.20 -0.40
C ARG B 228 20.60 12.53 -1.33
N HIS B 229 19.76 11.69 -0.78
CA HIS B 229 18.76 11.03 -1.60
C HIS B 229 17.73 12.02 -2.12
N ALA B 230 17.33 12.99 -1.29
CA ALA B 230 16.37 14.00 -1.75
C ALA B 230 16.96 14.84 -2.87
N ARG B 231 18.23 15.21 -2.75
CA ARG B 231 18.91 15.96 -3.80
C ARG B 231 18.99 15.13 -5.08
N ASP B 232 19.20 13.82 -4.95
CA ASP B 232 19.32 12.94 -6.11
C ASP B 232 18.00 12.69 -6.81
N MET B 233 16.87 13.00 -6.17
CA MET B 233 15.59 12.86 -6.86
C MET B 233 15.29 14.07 -7.74
N ARG B 234 15.96 15.19 -7.50
CA ARG B 234 16.06 16.26 -8.49
C ARG B 234 17.26 16.00 -9.40
N LEU B 235 17.21 14.86 -10.07
CA LEU B 235 18.28 14.41 -10.96
C LEU B 235 17.96 14.75 -12.41
N GLU C 4 7.16 -7.67 1.01
CA GLU C 4 6.74 -6.80 2.14
C GLU C 4 5.31 -7.19 2.48
N GLY C 5 5.15 -8.00 3.52
CA GLY C 5 3.81 -8.51 3.89
C GLY C 5 3.35 -8.21 5.30
N GLU C 6 4.17 -7.61 6.15
CA GLU C 6 3.61 -7.35 7.50
C GLU C 6 2.74 -6.10 7.47
N CYS C 7 3.22 -5.03 6.82
CA CYS C 7 2.52 -3.74 6.68
C CYS C 7 2.35 -3.04 8.02
N TYR C 8 3.32 -3.24 8.88
CA TYR C 8 3.52 -2.59 10.19
C TYR C 8 4.96 -2.93 10.57
#